data_2QK1
#
_entry.id   2QK1
#
_cell.length_a   28.441
_cell.length_b   80.649
_cell.length_c   97.919
_cell.angle_alpha   90.000
_cell.angle_beta   90.000
_cell.angle_gamma   90.000
#
_symmetry.space_group_name_H-M   'P 21 21 21'
#
loop_
_entity.id
_entity.type
_entity.pdbx_description
1 polymer 'Protein STU2'
2 water water
#
_entity_poly.entity_id   1
_entity_poly.type   'polypeptide(L)'
_entity_poly.pdbx_seq_one_letter_code
;GSH(MSE)AS(MSE)LPEETILDKLPKDFQERITSSKWKDRVEALEEFWDSVLSQTKKLKSTSQNYSNLLGIYGHIIQKD
ANIQAVALAAQSVELICDKLKTPGFSKDYVSLVFTPLLDRTKEKKPSVIEAIRKALLTICKYYDPLASSGRNED(MSE)L
KDILEH(MSE)KHKTPQIR(MSE)ECTQLFNAS(MSE)KEEKDGYSTLQRYLKDEVVPIVIQIVNDTQPAIRTIGFESFA
ILIKIFG(MSE)NTFVKTLEHLDNLKRKKIEETVKTL
;
_entity_poly.pdbx_strand_id   A
#
# COMPACT_ATOMS: atom_id res chain seq x y z
N SER A 2 25.00 6.97 -32.63
CA SER A 2 26.26 6.20 -32.43
C SER A 2 26.38 5.70 -31.00
N HIS A 3 25.26 5.27 -30.43
CA HIS A 3 25.24 4.76 -29.07
C HIS A 3 24.48 3.43 -28.98
N MSE A 4 24.67 2.71 -27.88
CA MSE A 4 24.07 1.39 -27.71
C MSE A 4 22.62 1.29 -27.24
O MSE A 4 21.96 0.29 -27.53
CB MSE A 4 24.96 0.57 -26.78
CG MSE A 4 26.40 0.46 -27.27
SE MSE A 4 27.54 -0.51 -26.07
CE MSE A 4 28.02 0.92 -24.89
N ALA A 5 22.13 2.28 -26.52
CA ALA A 5 20.76 2.24 -26.02
C ALA A 5 19.70 2.79 -26.97
N SER A 6 18.51 2.22 -26.91
CA SER A 6 17.36 2.65 -27.71
C SER A 6 16.25 2.65 -26.68
N MSE A 7 16.10 3.78 -26.00
CA MSE A 7 15.14 3.93 -24.91
C MSE A 7 13.84 4.64 -25.18
O MSE A 7 13.71 5.46 -26.09
CB MSE A 7 15.84 4.64 -23.74
CG MSE A 7 17.28 4.20 -23.51
SE MSE A 7 17.39 2.33 -23.09
CE MSE A 7 16.43 2.37 -21.41
N LEU A 8 12.86 4.32 -24.34
CA LEU A 8 11.55 4.94 -24.41
C LEU A 8 11.75 6.38 -23.91
N PRO A 9 11.29 7.37 -24.68
CA PRO A 9 11.47 8.76 -24.24
C PRO A 9 10.67 9.03 -22.96
N GLU A 10 11.21 9.90 -22.10
CA GLU A 10 10.51 10.26 -20.87
C GLU A 10 9.48 11.35 -21.17
N GLU A 11 8.44 11.40 -20.36
CA GLU A 11 7.36 12.37 -20.55
C GLU A 11 7.21 13.26 -19.32
N THR A 12 6.60 14.43 -19.52
CA THR A 12 6.34 15.33 -18.40
C THR A 12 4.82 15.52 -18.33
N ILE A 13 4.31 15.73 -17.13
CA ILE A 13 2.88 15.92 -16.95
C ILE A 13 2.54 17.17 -16.15
N LEU A 14 3.50 17.66 -15.36
CA LEU A 14 3.28 18.85 -14.54
C LEU A 14 2.96 20.08 -15.38
N ASP A 15 3.52 20.13 -16.58
CA ASP A 15 3.29 21.24 -17.50
C ASP A 15 1.90 21.14 -18.13
N LYS A 16 1.24 20.00 -17.93
CA LYS A 16 -0.07 19.77 -18.50
C LYS A 16 -1.22 19.92 -17.51
N LEU A 17 -0.91 20.33 -16.29
CA LEU A 17 -1.94 20.55 -15.28
C LEU A 17 -2.66 21.84 -15.65
N PRO A 18 -4.00 21.81 -15.74
CA PRO A 18 -4.74 23.03 -16.09
C PRO A 18 -4.43 24.17 -15.11
N LYS A 19 -4.44 25.40 -15.59
CA LYS A 19 -4.12 26.54 -14.74
C LYS A 19 -5.15 26.71 -13.62
N ASP A 20 -6.33 26.15 -13.79
CA ASP A 20 -7.39 26.26 -12.79
C ASP A 20 -7.51 24.99 -11.94
N PHE A 21 -6.49 24.13 -12.02
CA PHE A 21 -6.51 22.88 -11.26
C PHE A 21 -6.56 23.13 -9.75
N GLN A 22 -5.67 24.01 -9.28
CA GLN A 22 -5.58 24.36 -7.86
C GLN A 22 -6.93 24.86 -7.35
N GLU A 23 -7.56 25.73 -8.13
CA GLU A 23 -8.85 26.31 -7.77
C GLU A 23 -9.96 25.26 -7.72
N ARG A 24 -10.03 24.43 -8.74
CA ARG A 24 -11.06 23.41 -8.81
C ARG A 24 -10.88 22.30 -7.79
N ILE A 25 -9.65 21.88 -7.58
CA ILE A 25 -9.37 20.79 -6.64
C ILE A 25 -9.65 21.17 -5.19
N THR A 26 -9.70 22.48 -4.90
CA THR A 26 -9.97 22.95 -3.55
C THR A 26 -11.38 23.53 -3.42
N SER A 27 -12.19 23.35 -4.46
CA SER A 27 -13.55 23.85 -4.46
C SER A 27 -14.43 23.03 -3.51
N SER A 28 -15.46 23.67 -2.97
CA SER A 28 -16.38 23.01 -2.05
C SER A 28 -17.34 22.12 -2.85
N LYS A 29 -17.48 22.42 -4.13
CA LYS A 29 -18.36 21.65 -4.99
C LYS A 29 -17.70 20.31 -5.37
N TRP A 30 -18.39 19.22 -5.09
CA TRP A 30 -17.88 17.89 -5.39
C TRP A 30 -17.56 17.71 -6.88
N LYS A 31 -18.46 18.16 -7.74
CA LYS A 31 -18.25 18.04 -9.17
C LYS A 31 -17.00 18.76 -9.65
N ASP A 32 -16.66 19.88 -9.03
CA ASP A 32 -15.47 20.62 -9.44
C ASP A 32 -14.21 19.79 -9.21
N ARG A 33 -14.12 19.15 -8.04
CA ARG A 33 -12.95 18.34 -7.71
C ARG A 33 -12.84 17.09 -8.58
N VAL A 34 -13.96 16.39 -8.75
CA VAL A 34 -13.96 15.17 -9.55
C VAL A 34 -13.66 15.45 -11.02
N GLU A 35 -14.26 16.50 -11.59
CA GLU A 35 -14.01 16.81 -12.99
C GLU A 35 -12.53 17.14 -13.21
N ALA A 36 -11.95 17.86 -12.27
CA ALA A 36 -10.53 18.23 -12.37
C ALA A 36 -9.68 16.97 -12.31
N LEU A 37 -9.99 16.08 -11.38
CA LEU A 37 -9.24 14.84 -11.22
C LEU A 37 -9.43 13.90 -12.40
N GLU A 38 -10.68 13.70 -12.81
CA GLU A 38 -11.00 12.79 -13.90
C GLU A 38 -10.48 13.24 -15.25
N GLU A 39 -10.56 14.54 -15.53
CA GLU A 39 -10.08 15.05 -16.81
C GLU A 39 -8.57 14.94 -16.91
N PHE A 40 -7.86 15.19 -15.81
CA PHE A 40 -6.41 15.08 -15.84
C PHE A 40 -6.05 13.61 -16.00
N TRP A 41 -6.81 12.73 -15.35
CA TRP A 41 -6.55 11.30 -15.45
C TRP A 41 -6.83 10.77 -16.86
N ASP A 42 -8.02 11.04 -17.38
CA ASP A 42 -8.38 10.56 -18.71
C ASP A 42 -7.46 11.05 -19.83
N SER A 43 -7.19 12.36 -19.85
CA SER A 43 -6.38 12.94 -20.91
C SER A 43 -4.87 12.96 -20.75
N VAL A 44 -4.38 12.85 -19.51
CA VAL A 44 -2.95 12.91 -19.30
C VAL A 44 -2.31 11.70 -18.62
N LEU A 45 -2.64 11.48 -17.35
CA LEU A 45 -2.05 10.37 -16.60
C LEU A 45 -2.30 8.96 -17.14
N SER A 46 -3.56 8.66 -17.45
CA SER A 46 -3.91 7.32 -17.92
C SER A 46 -3.14 6.84 -19.15
N GLN A 47 -2.56 7.75 -19.92
CA GLN A 47 -1.82 7.36 -21.11
C GLN A 47 -0.30 7.47 -20.93
N THR A 48 0.12 7.85 -19.73
CA THR A 48 1.55 8.01 -19.45
C THR A 48 2.31 6.68 -19.40
N LYS A 49 3.48 6.65 -20.05
CA LYS A 49 4.30 5.44 -20.11
C LYS A 49 5.61 5.52 -19.33
N LYS A 50 6.16 6.72 -19.20
CA LYS A 50 7.43 6.90 -18.51
C LYS A 50 7.57 8.37 -18.11
N LEU A 51 7.71 8.62 -16.81
CA LEU A 51 7.82 9.98 -16.30
C LEU A 51 9.24 10.46 -16.02
N LYS A 52 9.48 11.74 -16.33
CA LYS A 52 10.78 12.37 -16.10
C LYS A 52 10.88 12.79 -14.64
N SER A 53 12.04 12.54 -14.02
CA SER A 53 12.25 12.91 -12.62
C SER A 53 13.00 14.23 -12.50
N THR A 54 14.04 14.37 -13.31
CA THR A 54 14.90 15.55 -13.31
C THR A 54 14.17 16.87 -13.46
N SER A 55 14.34 17.73 -12.46
CA SER A 55 13.72 19.06 -12.43
C SER A 55 12.20 19.06 -12.45
N GLN A 56 11.60 17.92 -12.12
CA GLN A 56 10.15 17.81 -12.07
C GLN A 56 9.78 17.59 -10.60
N ASN A 57 9.22 18.61 -9.96
CA ASN A 57 8.85 18.50 -8.55
C ASN A 57 7.39 18.08 -8.43
N TYR A 58 7.17 16.79 -8.20
CA TYR A 58 5.82 16.26 -8.08
C TYR A 58 5.17 16.42 -6.70
N SER A 59 5.89 17.02 -5.75
CA SER A 59 5.37 17.16 -4.40
C SER A 59 4.00 17.84 -4.28
N ASN A 60 3.83 18.96 -4.97
CA ASN A 60 2.56 19.68 -4.90
C ASN A 60 1.40 18.80 -5.35
N LEU A 61 1.55 18.17 -6.50
CA LEU A 61 0.50 17.31 -7.04
C LEU A 61 0.23 16.10 -6.14
N LEU A 62 1.30 15.42 -5.71
CA LEU A 62 1.14 14.26 -4.83
C LEU A 62 0.57 14.68 -3.48
N GLY A 63 0.93 15.88 -3.02
CA GLY A 63 0.40 16.39 -1.77
C GLY A 63 -1.09 16.61 -1.88
N ILE A 64 -1.51 17.11 -3.04
CA ILE A 64 -2.92 17.35 -3.28
C ILE A 64 -3.66 16.01 -3.25
N TYR A 65 -3.10 14.99 -3.91
CA TYR A 65 -3.73 13.67 -3.92
C TYR A 65 -3.77 13.08 -2.51
N GLY A 66 -2.67 13.24 -1.78
CA GLY A 66 -2.60 12.72 -0.42
C GLY A 66 -3.66 13.34 0.47
N HIS A 67 -3.84 14.65 0.33
CA HIS A 67 -4.84 15.36 1.13
C HIS A 67 -6.24 14.85 0.81
N ILE A 68 -6.51 14.65 -0.48
CA ILE A 68 -7.80 14.15 -0.93
C ILE A 68 -8.05 12.76 -0.34
N ILE A 69 -7.06 11.88 -0.48
CA ILE A 69 -7.18 10.52 0.03
C ILE A 69 -7.45 10.52 1.54
N GLN A 70 -6.76 11.40 2.25
CA GLN A 70 -6.91 11.48 3.70
C GLN A 70 -8.19 12.13 4.20
N LYS A 71 -8.60 13.23 3.57
CA LYS A 71 -9.77 13.96 4.05
C LYS A 71 -10.99 14.19 3.19
N ASP A 72 -10.91 13.99 1.88
CA ASP A 72 -12.06 14.24 1.03
C ASP A 72 -13.28 13.40 1.41
N ALA A 73 -14.43 14.05 1.54
CA ALA A 73 -15.66 13.37 1.91
C ALA A 73 -16.24 12.58 0.74
N ASN A 74 -15.79 12.89 -0.47
CA ASN A 74 -16.28 12.21 -1.66
C ASN A 74 -15.36 11.04 -2.01
N ILE A 75 -15.82 9.81 -1.76
CA ILE A 75 -15.00 8.64 -2.03
C ILE A 75 -14.66 8.45 -3.51
N GLN A 76 -15.38 9.12 -4.40
CA GLN A 76 -15.08 9.01 -5.82
C GLN A 76 -13.81 9.81 -6.11
N ALA A 77 -13.66 10.94 -5.41
CA ALA A 77 -12.48 11.77 -5.57
C ALA A 77 -11.31 10.99 -4.98
N VAL A 78 -11.58 10.28 -3.88
CA VAL A 78 -10.56 9.47 -3.22
C VAL A 78 -10.02 8.41 -4.17
N ALA A 79 -10.94 7.71 -4.84
CA ALA A 79 -10.56 6.66 -5.78
C ALA A 79 -9.70 7.22 -6.92
N LEU A 80 -10.10 8.37 -7.45
CA LEU A 80 -9.35 9.00 -8.54
C LEU A 80 -7.96 9.42 -8.09
N ALA A 81 -7.85 9.95 -6.87
CA ALA A 81 -6.55 10.36 -6.34
C ALA A 81 -5.66 9.15 -6.15
N ALA A 82 -6.22 8.06 -5.62
CA ALA A 82 -5.47 6.83 -5.40
C ALA A 82 -4.95 6.29 -6.72
N GLN A 83 -5.82 6.28 -7.72
CA GLN A 83 -5.48 5.79 -9.06
C GLN A 83 -4.34 6.63 -9.66
N SER A 84 -4.42 7.95 -9.44
CA SER A 84 -3.41 8.86 -9.97
C SER A 84 -2.06 8.66 -9.28
N VAL A 85 -2.08 8.47 -7.97
CA VAL A 85 -0.84 8.25 -7.23
C VAL A 85 -0.18 6.95 -7.69
N GLU A 86 -0.99 5.90 -7.86
CA GLU A 86 -0.49 4.61 -8.31
C GLU A 86 0.23 4.75 -9.63
N LEU A 87 -0.39 5.50 -10.55
CA LEU A 87 0.19 5.71 -11.87
C LEU A 87 1.52 6.44 -11.81
N ILE A 88 1.57 7.54 -11.05
CA ILE A 88 2.80 8.31 -10.94
C ILE A 88 3.95 7.49 -10.37
N CYS A 89 3.67 6.68 -9.34
CA CYS A 89 4.71 5.85 -8.74
C CYS A 89 5.20 4.80 -9.75
N ASP A 90 4.27 4.14 -10.40
CA ASP A 90 4.59 3.09 -11.37
C ASP A 90 5.33 3.58 -12.62
N LYS A 91 5.06 4.81 -13.06
CA LYS A 91 5.71 5.31 -14.26
C LYS A 91 6.94 6.18 -14.00
N LEU A 92 7.12 6.61 -12.77
CA LEU A 92 8.30 7.39 -12.40
C LEU A 92 9.32 6.41 -11.85
N LYS A 93 8.83 5.44 -11.06
CA LYS A 93 9.65 4.41 -10.42
C LYS A 93 10.72 5.06 -9.54
N THR A 94 11.71 4.28 -9.13
CA THR A 94 12.78 4.79 -8.28
C THR A 94 14.01 5.10 -9.10
N PRO A 95 14.82 6.09 -8.68
CA PRO A 95 14.71 6.92 -7.48
C PRO A 95 13.77 8.12 -7.58
N GLY A 96 13.22 8.35 -8.76
CA GLY A 96 12.32 9.48 -8.98
C GLY A 96 11.22 9.65 -7.95
N PHE A 97 10.47 8.58 -7.74
CA PHE A 97 9.42 8.63 -6.74
C PHE A 97 10.19 8.41 -5.44
N SER A 98 10.50 9.52 -4.79
CA SER A 98 11.29 9.53 -3.55
C SER A 98 10.55 9.15 -2.28
N LYS A 99 11.31 8.96 -1.21
CA LYS A 99 10.69 8.65 0.07
C LYS A 99 9.93 9.89 0.54
N ASP A 100 10.39 11.08 0.12
CA ASP A 100 9.67 12.28 0.51
C ASP A 100 8.30 12.23 -0.16
N TYR A 101 8.26 11.81 -1.42
CA TYR A 101 6.97 11.69 -2.12
C TYR A 101 6.11 10.64 -1.43
N VAL A 102 6.72 9.52 -1.05
CA VAL A 102 5.97 8.46 -0.37
C VAL A 102 5.30 8.99 0.90
N SER A 103 6.00 9.82 1.66
CA SER A 103 5.47 10.36 2.90
C SER A 103 4.19 11.18 2.71
N LEU A 104 4.00 11.72 1.51
CA LEU A 104 2.82 12.53 1.22
C LEU A 104 1.58 11.69 0.97
N VAL A 105 1.77 10.42 0.65
CA VAL A 105 0.63 9.56 0.32
C VAL A 105 0.46 8.22 1.04
N PHE A 106 1.51 7.68 1.62
CA PHE A 106 1.42 6.35 2.25
C PHE A 106 0.48 6.25 3.46
N THR A 107 0.72 7.06 4.48
CA THR A 107 -0.16 7.02 5.65
C THR A 107 -1.60 7.37 5.26
N PRO A 108 -1.78 8.35 4.36
CA PRO A 108 -3.15 8.68 3.97
C PRO A 108 -3.86 7.45 3.40
N LEU A 109 -3.15 6.69 2.56
CA LEU A 109 -3.72 5.48 1.96
C LEU A 109 -4.02 4.41 3.01
N LEU A 110 -3.08 4.19 3.93
CA LEU A 110 -3.30 3.21 4.98
C LEU A 110 -4.50 3.61 5.82
N ASP A 111 -4.61 4.89 6.15
CA ASP A 111 -5.73 5.38 6.95
C ASP A 111 -7.06 5.21 6.22
N ARG A 112 -7.04 5.42 4.90
CA ARG A 112 -8.27 5.31 4.13
C ARG A 112 -8.70 3.90 3.77
N THR A 113 -8.00 2.89 4.28
CA THR A 113 -8.40 1.51 4.00
C THR A 113 -9.68 1.20 4.77
N LYS A 114 -10.19 2.19 5.49
CA LYS A 114 -11.42 2.02 6.25
C LYS A 114 -12.61 1.97 5.29
N GLU A 115 -12.41 2.48 4.07
CA GLU A 115 -13.47 2.49 3.07
C GLU A 115 -13.87 1.09 2.64
N LYS A 116 -15.18 0.86 2.46
CA LYS A 116 -15.69 -0.45 2.08
C LYS A 116 -16.22 -0.57 0.66
N LYS A 117 -16.52 0.55 0.00
CA LYS A 117 -17.02 0.48 -1.38
C LYS A 117 -15.99 -0.22 -2.25
N PRO A 118 -16.37 -1.36 -2.85
CA PRO A 118 -15.50 -2.16 -3.71
C PRO A 118 -14.52 -1.41 -4.60
N SER A 119 -15.04 -0.54 -5.47
CA SER A 119 -14.20 0.21 -6.40
C SER A 119 -13.23 1.17 -5.71
N VAL A 120 -13.66 1.77 -4.61
CA VAL A 120 -12.82 2.71 -3.88
C VAL A 120 -11.68 1.98 -3.16
N ILE A 121 -12.02 0.96 -2.38
CA ILE A 121 -10.99 0.21 -1.66
C ILE A 121 -10.04 -0.51 -2.63
N GLU A 122 -10.55 -0.95 -3.77
CA GLU A 122 -9.69 -1.61 -4.74
C GLU A 122 -8.64 -0.64 -5.25
N ALA A 123 -9.03 0.62 -5.48
CA ALA A 123 -8.10 1.64 -5.96
C ALA A 123 -7.05 1.92 -4.90
N ILE A 124 -7.48 1.96 -3.64
CA ILE A 124 -6.56 2.20 -2.53
C ILE A 124 -5.59 1.03 -2.40
N ARG A 125 -6.12 -0.19 -2.51
CA ARG A 125 -5.29 -1.40 -2.42
C ARG A 125 -4.19 -1.39 -3.47
N LYS A 126 -4.58 -1.12 -4.70
CA LYS A 126 -3.63 -1.09 -5.81
C LYS A 126 -2.52 -0.07 -5.61
N ALA A 127 -2.87 1.13 -5.12
CA ALA A 127 -1.85 2.15 -4.90
C ALA A 127 -0.88 1.69 -3.83
N LEU A 128 -1.40 1.10 -2.76
CA LEU A 128 -0.56 0.61 -1.67
C LEU A 128 0.37 -0.52 -2.13
N LEU A 129 -0.17 -1.45 -2.91
CA LEU A 129 0.63 -2.57 -3.39
C LEU A 129 1.74 -2.08 -4.31
N THR A 130 1.43 -1.11 -5.15
CA THR A 130 2.43 -0.56 -6.06
C THR A 130 3.53 0.16 -5.29
N ILE A 131 3.15 0.98 -4.32
CA ILE A 131 4.15 1.69 -3.53
C ILE A 131 5.06 0.69 -2.81
N CYS A 132 4.48 -0.39 -2.28
CA CYS A 132 5.25 -1.39 -1.57
C CYS A 132 6.11 -2.24 -2.50
N LYS A 133 5.82 -2.20 -3.79
CA LYS A 133 6.60 -2.94 -4.77
C LYS A 133 7.90 -2.17 -5.01
N TYR A 134 7.79 -0.85 -5.12
CA TYR A 134 8.95 0.00 -5.35
C TYR A 134 9.75 0.28 -4.08
N TYR A 135 9.05 0.28 -2.95
CA TYR A 135 9.66 0.49 -1.65
C TYR A 135 9.22 -0.64 -0.74
N ASP A 136 9.95 -1.75 -0.84
CA ASP A 136 9.68 -2.97 -0.08
C ASP A 136 9.83 -2.71 1.43
N PRO A 137 8.73 -2.79 2.18
CA PRO A 137 8.81 -2.56 3.63
C PRO A 137 9.77 -3.52 4.32
N LEU A 138 9.92 -4.71 3.75
CA LEU A 138 10.80 -5.74 4.30
C LEU A 138 12.20 -5.69 3.73
N ALA A 139 12.53 -4.61 3.02
CA ALA A 139 13.85 -4.46 2.42
C ALA A 139 14.95 -4.79 3.43
N SER A 140 15.88 -5.66 3.03
CA SER A 140 16.99 -6.06 3.90
C SER A 140 17.87 -4.86 4.28
N SER A 141 17.85 -3.82 3.46
CA SER A 141 18.65 -2.63 3.73
C SER A 141 18.14 -1.95 5.00
N GLY A 142 16.89 -2.21 5.35
CA GLY A 142 16.28 -1.62 6.52
C GLY A 142 15.77 -0.21 6.25
N ARG A 143 15.98 0.27 5.02
CA ARG A 143 15.58 1.62 4.65
C ARG A 143 14.09 1.89 4.75
N ASN A 144 13.26 0.84 4.63
CA ASN A 144 11.82 1.02 4.68
C ASN A 144 11.13 0.49 5.94
N GLU A 145 11.88 0.36 7.02
CA GLU A 145 11.31 -0.12 8.26
C GLU A 145 10.27 0.87 8.79
N ASP A 146 10.38 2.13 8.38
CA ASP A 146 9.43 3.15 8.81
C ASP A 146 8.06 2.79 8.24
N MSE A 147 8.05 2.35 6.98
CA MSE A 147 6.82 1.94 6.32
C MSE A 147 6.31 0.65 6.95
O MSE A 147 5.11 0.47 7.14
CB MSE A 147 7.07 1.73 4.82
CG MSE A 147 7.37 3.01 4.07
SE MSE A 147 7.96 2.68 2.27
CE MSE A 147 6.31 1.96 1.55
N LEU A 148 7.24 -0.25 7.27
CA LEU A 148 6.87 -1.51 7.90
C LEU A 148 6.16 -1.23 9.23
N LYS A 149 6.73 -0.34 10.03
CA LYS A 149 6.14 -0.02 11.32
C LYS A 149 4.75 0.60 11.16
N ASP A 150 4.58 1.41 10.11
CA ASP A 150 3.31 2.06 9.84
C ASP A 150 2.25 0.99 9.54
N ILE A 151 2.65 0.01 8.73
CA ILE A 151 1.74 -1.08 8.39
C ILE A 151 1.39 -1.90 9.63
N LEU A 152 2.41 -2.27 10.41
CA LEU A 152 2.19 -3.05 11.63
C LEU A 152 1.27 -2.31 12.59
N GLU A 153 1.44 -0.99 12.69
CA GLU A 153 0.59 -0.20 13.58
C GLU A 153 -0.87 -0.23 13.10
N HIS A 154 -1.06 -0.21 11.79
CA HIS A 154 -2.42 -0.24 11.25
C HIS A 154 -3.04 -1.62 11.41
N MSE A 155 -2.19 -2.63 11.57
CA MSE A 155 -2.69 -3.99 11.77
C MSE A 155 -3.25 -4.14 13.18
O MSE A 155 -3.88 -5.14 13.51
CB MSE A 155 -1.56 -5.00 11.52
CG MSE A 155 -1.29 -5.19 10.03
SE MSE A 155 0.28 -6.23 9.61
CE MSE A 155 -0.12 -7.84 10.57
N LYS A 156 -3.04 -3.10 14.00
CA LYS A 156 -3.56 -3.08 15.36
C LYS A 156 -4.62 -1.98 15.52
N HIS A 157 -5.01 -1.38 14.40
CA HIS A 157 -6.00 -0.31 14.43
C HIS A 157 -7.34 -0.76 15.03
N LYS A 158 -8.04 0.18 15.66
CA LYS A 158 -9.33 -0.12 16.28
C LYS A 158 -10.39 -0.48 15.24
N THR A 159 -10.25 0.08 14.04
CA THR A 159 -11.20 -0.16 12.95
C THR A 159 -10.91 -1.50 12.30
N PRO A 160 -11.86 -2.45 12.38
CA PRO A 160 -11.67 -3.78 11.79
C PRO A 160 -11.27 -3.81 10.31
N GLN A 161 -11.91 -2.99 9.49
CA GLN A 161 -11.59 -2.95 8.06
C GLN A 161 -10.12 -2.61 7.83
N ILE A 162 -9.59 -1.68 8.62
CA ILE A 162 -8.20 -1.29 8.49
C ILE A 162 -7.26 -2.44 8.88
N ARG A 163 -7.56 -3.11 9.99
CA ARG A 163 -6.73 -4.24 10.41
C ARG A 163 -6.69 -5.29 9.31
N MSE A 164 -7.85 -5.58 8.74
CA MSE A 164 -7.94 -6.59 7.70
C MSE A 164 -7.20 -6.22 6.42
O MSE A 164 -6.39 -7.01 5.91
CB MSE A 164 -9.40 -6.85 7.38
CG MSE A 164 -9.65 -8.20 6.74
SE MSE A 164 -11.52 -8.45 6.43
CE MSE A 164 -12.23 -7.14 7.71
N GLU A 165 -7.45 -5.02 5.91
CA GLU A 165 -6.81 -4.59 4.67
C GLU A 165 -5.30 -4.42 4.82
N CYS A 166 -4.86 -3.89 5.96
CA CYS A 166 -3.44 -3.70 6.15
C CYS A 166 -2.71 -5.02 6.39
N THR A 167 -3.40 -5.99 7.00
CA THR A 167 -2.77 -7.28 7.22
C THR A 167 -2.63 -7.96 5.85
N GLN A 168 -3.62 -7.77 4.98
CA GLN A 168 -3.57 -8.36 3.64
C GLN A 168 -2.42 -7.73 2.85
N LEU A 169 -2.20 -6.43 3.04
CA LEU A 169 -1.10 -5.74 2.35
C LEU A 169 0.23 -6.34 2.83
N PHE A 170 0.35 -6.51 4.14
CA PHE A 170 1.56 -7.08 4.74
C PHE A 170 1.81 -8.49 4.20
N ASN A 171 0.74 -9.28 4.10
CA ASN A 171 0.85 -10.64 3.59
C ASN A 171 1.37 -10.65 2.16
N ALA A 172 0.91 -9.68 1.36
CA ALA A 172 1.35 -9.57 -0.02
C ALA A 172 2.84 -9.29 -0.05
N SER A 173 3.32 -8.43 0.85
CA SER A 173 4.74 -8.13 0.89
C SER A 173 5.56 -9.37 1.22
N MSE A 174 5.05 -10.18 2.15
CA MSE A 174 5.77 -11.40 2.52
C MSE A 174 5.82 -12.38 1.35
O MSE A 174 6.85 -13.00 1.10
CB MSE A 174 5.12 -12.07 3.72
CG MSE A 174 5.25 -11.31 5.02
SE MSE A 174 4.90 -12.49 6.53
CE MSE A 174 2.97 -12.64 6.36
N LYS A 175 4.70 -12.53 0.66
CA LYS A 175 4.63 -13.45 -0.48
C LYS A 175 5.49 -13.01 -1.66
N GLU A 176 5.55 -11.70 -1.88
CA GLU A 176 6.32 -11.13 -2.99
C GLU A 176 7.82 -11.09 -2.72
N GLU A 177 8.21 -11.19 -1.46
CA GLU A 177 9.62 -11.11 -1.10
C GLU A 177 10.52 -12.19 -1.70
N LYS A 178 11.51 -11.74 -2.48
CA LYS A 178 12.47 -12.64 -3.11
C LYS A 178 13.86 -12.05 -3.01
N ASP A 179 13.98 -10.97 -2.23
CA ASP A 179 15.25 -10.28 -2.08
C ASP A 179 15.79 -10.22 -0.64
N GLY A 180 15.47 -11.23 0.15
CA GLY A 180 15.96 -11.27 1.52
C GLY A 180 14.89 -11.23 2.59
N TYR A 181 14.95 -12.19 3.51
CA TYR A 181 13.99 -12.24 4.61
C TYR A 181 14.59 -11.73 5.92
N SER A 182 15.82 -11.24 5.88
CA SER A 182 16.49 -10.77 7.09
C SER A 182 15.72 -9.73 7.91
N THR A 183 15.17 -8.70 7.26
CA THR A 183 14.43 -7.69 8.01
C THR A 183 13.15 -8.29 8.60
N LEU A 184 12.46 -9.09 7.80
CA LEU A 184 11.23 -9.72 8.29
C LEU A 184 11.56 -10.54 9.54
N GLN A 185 12.68 -11.27 9.50
CA GLN A 185 13.05 -12.10 10.64
C GLN A 185 13.35 -11.28 11.89
N ARG A 186 13.97 -10.11 11.74
CA ARG A 186 14.26 -9.27 12.91
C ARG A 186 12.97 -8.82 13.59
N TYR A 187 11.92 -8.61 12.81
CA TYR A 187 10.64 -8.16 13.36
C TYR A 187 9.70 -9.30 13.73
N LEU A 188 10.03 -10.50 13.27
CA LEU A 188 9.19 -11.68 13.47
C LEU A 188 8.61 -11.99 14.85
N LYS A 189 9.45 -12.43 15.78
CA LYS A 189 8.96 -12.80 17.10
C LYS A 189 8.51 -11.67 18.02
N ASP A 190 9.20 -10.53 17.97
CA ASP A 190 8.86 -9.42 18.85
C ASP A 190 7.78 -8.45 18.40
N GLU A 191 7.58 -8.34 17.09
CA GLU A 191 6.57 -7.40 16.59
C GLU A 191 5.48 -8.03 15.73
N VAL A 192 5.86 -8.88 14.78
CA VAL A 192 4.88 -9.50 13.88
C VAL A 192 3.99 -10.58 14.49
N VAL A 193 4.59 -11.60 15.08
CA VAL A 193 3.81 -12.70 15.67
C VAL A 193 2.75 -12.23 16.67
N PRO A 194 3.11 -11.31 17.59
CA PRO A 194 2.11 -10.84 18.57
C PRO A 194 0.87 -10.24 17.90
N ILE A 195 1.07 -9.54 16.79
CA ILE A 195 -0.04 -8.94 16.08
C ILE A 195 -0.84 -9.99 15.33
N VAL A 196 -0.14 -10.91 14.66
CA VAL A 196 -0.82 -11.96 13.92
C VAL A 196 -1.67 -12.81 14.88
N ILE A 197 -1.17 -13.02 16.08
CA ILE A 197 -1.92 -13.79 17.08
C ILE A 197 -3.23 -13.07 17.38
N GLN A 198 -3.18 -11.75 17.49
CA GLN A 198 -4.39 -10.97 17.77
C GLN A 198 -5.38 -11.08 16.59
N ILE A 199 -4.86 -11.08 15.37
CA ILE A 199 -5.71 -11.20 14.18
C ILE A 199 -6.38 -12.59 14.16
N VAL A 200 -5.58 -13.62 14.40
CA VAL A 200 -6.06 -14.99 14.42
C VAL A 200 -7.14 -15.22 15.48
N ASN A 201 -7.05 -14.49 16.59
CA ASN A 201 -8.01 -14.63 17.66
C ASN A 201 -9.19 -13.65 17.57
N ASP A 202 -9.27 -12.90 16.48
CA ASP A 202 -10.35 -11.93 16.33
C ASP A 202 -11.70 -12.66 16.33
N THR A 203 -12.74 -11.97 16.79
CA THR A 203 -14.07 -12.57 16.83
C THR A 203 -14.72 -12.64 15.45
N GLN A 204 -14.26 -11.81 14.53
CA GLN A 204 -14.79 -11.79 13.16
C GLN A 204 -14.09 -12.83 12.30
N PRO A 205 -14.85 -13.74 11.67
CA PRO A 205 -14.27 -14.78 10.82
C PRO A 205 -13.45 -14.27 9.63
N ALA A 206 -13.88 -13.16 9.03
CA ALA A 206 -13.15 -12.61 7.89
C ALA A 206 -11.75 -12.19 8.31
N ILE A 207 -11.63 -11.62 9.51
CA ILE A 207 -10.34 -11.19 10.01
C ILE A 207 -9.48 -12.40 10.37
N ARG A 208 -10.08 -13.40 11.03
CA ARG A 208 -9.34 -14.59 11.40
C ARG A 208 -8.74 -15.25 10.16
N THR A 209 -9.50 -15.32 9.08
CA THR A 209 -9.04 -15.93 7.84
C THR A 209 -7.75 -15.30 7.33
N ILE A 210 -7.69 -13.97 7.37
CA ILE A 210 -6.50 -13.27 6.92
C ILE A 210 -5.34 -13.61 7.86
N GLY A 211 -5.65 -13.75 9.15
CA GLY A 211 -4.63 -14.09 10.11
C GLY A 211 -4.07 -15.48 9.87
N PHE A 212 -4.93 -16.43 9.48
CA PHE A 212 -4.46 -17.78 9.21
C PHE A 212 -3.51 -17.75 8.02
N GLU A 213 -3.83 -16.90 7.05
CA GLU A 213 -3.01 -16.75 5.87
C GLU A 213 -1.64 -16.22 6.27
N SER A 214 -1.63 -15.24 7.17
CA SER A 214 -0.36 -14.65 7.63
C SER A 214 0.53 -15.69 8.27
N PHE A 215 -0.04 -16.49 9.16
CA PHE A 215 0.75 -17.51 9.85
C PHE A 215 1.21 -18.60 8.88
N ALA A 216 0.36 -18.97 7.94
CA ALA A 216 0.71 -19.99 6.96
C ALA A 216 1.89 -19.51 6.11
N ILE A 217 1.84 -18.25 5.69
CA ILE A 217 2.92 -17.67 4.90
C ILE A 217 4.21 -17.68 5.71
N LEU A 218 4.13 -17.31 6.98
CA LEU A 218 5.30 -17.27 7.85
C LEU A 218 5.91 -18.66 8.01
N ILE A 219 5.06 -19.68 8.06
CA ILE A 219 5.54 -21.05 8.21
C ILE A 219 6.24 -21.51 6.93
N LYS A 220 5.70 -21.12 5.78
CA LYS A 220 6.32 -21.49 4.50
C LYS A 220 7.68 -20.81 4.33
N ILE A 221 7.84 -19.65 4.95
CA ILE A 221 9.09 -18.92 4.87
C ILE A 221 10.15 -19.42 5.84
N PHE A 222 9.81 -19.45 7.12
CA PHE A 222 10.74 -19.83 8.17
C PHE A 222 10.70 -21.26 8.68
N GLY A 223 9.64 -21.99 8.32
CA GLY A 223 9.52 -23.36 8.78
C GLY A 223 8.63 -23.46 9.99
N MSE A 224 8.07 -24.64 10.20
CA MSE A 224 7.18 -24.91 11.32
C MSE A 224 7.80 -24.86 12.71
O MSE A 224 7.23 -24.30 13.64
CB MSE A 224 6.54 -26.29 11.13
CG MSE A 224 5.60 -26.70 12.23
SE MSE A 224 4.04 -25.58 12.23
CE MSE A 224 2.86 -26.77 11.29
N ASN A 225 8.99 -25.43 12.84
CA ASN A 225 9.67 -25.49 14.13
C ASN A 225 9.82 -24.20 14.90
N THR A 226 10.16 -23.11 14.22
CA THR A 226 10.35 -21.85 14.93
C THR A 226 9.07 -21.27 15.57
N PHE A 227 7.92 -21.77 15.15
CA PHE A 227 6.64 -21.28 15.69
C PHE A 227 5.93 -22.29 16.60
N VAL A 228 6.58 -23.40 16.90
CA VAL A 228 5.97 -24.42 17.74
C VAL A 228 5.38 -23.86 19.04
N LYS A 229 6.16 -23.08 19.77
CA LYS A 229 5.69 -22.51 21.03
C LYS A 229 4.42 -21.71 20.84
N THR A 230 4.40 -20.83 19.85
CA THR A 230 3.23 -20.01 19.58
C THR A 230 2.02 -20.85 19.18
N LEU A 231 2.25 -21.78 18.26
CA LEU A 231 1.19 -22.65 17.77
C LEU A 231 0.59 -23.51 18.87
N GLU A 232 1.43 -24.01 19.77
CA GLU A 232 0.96 -24.83 20.87
C GLU A 232 0.13 -24.05 21.88
N HIS A 233 0.24 -22.73 21.86
CA HIS A 233 -0.52 -21.90 22.79
C HIS A 233 -1.89 -21.51 22.24
N LEU A 234 -2.03 -21.53 20.91
CA LEU A 234 -3.30 -21.19 20.28
C LEU A 234 -4.32 -22.26 20.59
N ASP A 235 -5.60 -21.95 20.32
CA ASP A 235 -6.67 -22.91 20.53
C ASP A 235 -6.38 -24.03 19.52
N ASN A 236 -6.65 -25.26 19.92
CA ASN A 236 -6.40 -26.41 19.05
C ASN A 236 -6.99 -26.24 17.64
N LEU A 237 -8.23 -25.75 17.57
CA LEU A 237 -8.90 -25.55 16.28
C LEU A 237 -8.14 -24.61 15.36
N LYS A 238 -7.68 -23.49 15.91
CA LYS A 238 -6.95 -22.50 15.12
C LYS A 238 -5.60 -23.04 14.64
N ARG A 239 -4.93 -23.83 15.48
CA ARG A 239 -3.65 -24.40 15.09
C ARG A 239 -3.88 -25.29 13.87
N LYS A 240 -4.91 -26.12 13.93
CA LYS A 240 -5.23 -27.02 12.84
C LYS A 240 -5.60 -26.26 11.57
N LYS A 241 -6.28 -25.14 11.74
CA LYS A 241 -6.69 -24.31 10.60
C LYS A 241 -5.44 -23.78 9.89
N ILE A 242 -4.46 -23.36 10.67
CA ILE A 242 -3.22 -22.81 10.12
C ILE A 242 -2.43 -23.88 9.36
N GLU A 243 -2.32 -25.06 9.96
CA GLU A 243 -1.60 -26.17 9.33
C GLU A 243 -2.24 -26.52 8.00
N GLU A 244 -3.57 -26.53 7.98
CA GLU A 244 -4.33 -26.85 6.77
C GLU A 244 -4.09 -25.79 5.71
N THR A 245 -4.00 -24.54 6.14
CA THR A 245 -3.79 -23.41 5.23
C THR A 245 -2.38 -23.47 4.62
N VAL A 246 -1.42 -23.97 5.39
CA VAL A 246 -0.05 -24.09 4.90
C VAL A 246 -0.04 -24.99 3.65
N LYS A 247 -0.94 -25.97 3.64
CA LYS A 247 -1.05 -26.90 2.53
C LYS A 247 -1.78 -26.26 1.36
N THR A 248 -2.81 -25.46 1.66
CA THR A 248 -3.58 -24.80 0.63
C THR A 248 -2.81 -23.60 0.08
#